data_7CJG
#
_entry.id   7CJG
#
_cell.length_a   91.117
_cell.length_b   91.117
_cell.length_c   165.063
_cell.angle_alpha   90.00
_cell.angle_beta   90.00
_cell.angle_gamma   120.00
#
_symmetry.space_group_name_H-M   'P 31 2 1'
#
loop_
_entity.id
_entity.type
_entity.pdbx_description
1 polymer 'Glutamine cyclotransferase-related protein'
2 non-polymer 5,6-DIMETHYLBENZIMIDAZOLE
3 non-polymer GLYCEROL
4 non-polymer 'NITRATE ION'
5 non-polymer 'MAGNESIUM ION'
6 non-polymer 'ZINC ION'
7 water water
#
_entity_poly.entity_id   1
_entity_poly.type   'polypeptide(L)'
_entity_poly.pdbx_seq_one_letter_code
;MGSSHHHHHHSSGLVPRGSHMGNNTSETQGDRTEQAETVQADLFSADSAYTFVQRQVNFGPRIPGTAPHRACGDWLVATL
RSFGAAVQEQTAEIKAHDGTMLPMRNIIASYRPEATGRMLLMAHWDTRPVCDQDANPAMHTETFDGADDGGSGVGVLLEI
ARYLGQQKDLGMGIDIVFFDTEDYGSYGDDESWCLGSQYWSRNPHVAGYKAEAGILLDMVGAKGATFYWEYFSKSYAPGL
ISAVWQTAAALGYGNYFIQADGGALTDDHVPVIKNLGIPCIDIINYSSKNEHGFGDHWHTQRDNMQIIDKNVLDAVGETV
IRYLDEQVKAASH
;
_entity_poly.pdbx_strand_id   A,B
#
# COMPACT_ATOMS: atom_id res chain seq x y z
N ALA A 41 14.99 -28.33 -10.00
CA ALA A 41 14.77 -26.89 -9.84
C ALA A 41 14.58 -26.54 -8.37
N ASP A 42 15.35 -25.57 -7.89
CA ASP A 42 15.25 -25.11 -6.50
C ASP A 42 15.28 -23.58 -6.43
N LEU A 43 14.43 -22.94 -7.23
CA LEU A 43 14.22 -21.50 -7.08
C LEU A 43 13.38 -21.15 -5.86
N PHE A 44 12.75 -22.15 -5.23
CA PHE A 44 11.81 -21.93 -4.15
C PHE A 44 12.28 -22.73 -2.95
N SER A 45 12.64 -22.04 -1.86
CA SER A 45 13.15 -22.70 -0.67
C SER A 45 11.99 -23.24 0.15
N ALA A 46 11.86 -24.58 0.17
CA ALA A 46 10.81 -25.20 0.98
C ALA A 46 11.03 -24.96 2.47
N ASP A 47 12.30 -24.97 2.92
CA ASP A 47 12.58 -24.69 4.31
C ASP A 47 12.09 -23.31 4.70
N SER A 48 12.33 -22.32 3.84
CA SER A 48 11.91 -20.95 4.14
C SER A 48 10.39 -20.82 4.21
N ALA A 49 9.68 -21.44 3.26
CA ALA A 49 8.22 -21.41 3.30
C ALA A 49 7.70 -22.07 4.57
N TYR A 50 8.26 -23.24 4.91
CA TYR A 50 7.91 -23.92 6.15
C TYR A 50 8.09 -22.99 7.35
N THR A 51 9.22 -22.29 7.39
CA THR A 51 9.48 -21.38 8.50
C THR A 51 8.44 -20.26 8.54
N PHE A 52 8.03 -19.75 7.37
CA PHE A 52 7.01 -18.71 7.34
C PHE A 52 5.70 -19.22 7.94
N VAL A 53 5.33 -20.45 7.60
CA VAL A 53 4.12 -21.04 8.18
C VAL A 53 4.26 -21.13 9.70
N GLN A 54 5.41 -21.62 10.16
CA GLN A 54 5.62 -21.79 11.60
C GLN A 54 5.55 -20.47 12.33
N ARG A 55 6.09 -19.39 11.74
CA ARG A 55 6.02 -18.08 12.38
C ARG A 55 4.59 -17.62 12.52
N GLN A 56 3.83 -17.66 11.41
CA GLN A 56 2.41 -17.35 11.50
C GLN A 56 1.76 -18.11 12.64
N VAL A 57 1.99 -19.42 12.71
CA VAL A 57 1.33 -20.23 13.72
C VAL A 57 1.77 -19.82 15.12
N ASN A 58 3.05 -19.46 15.28
CA ASN A 58 3.57 -19.14 16.60
C ASN A 58 3.04 -17.82 17.13
N PHE A 59 2.52 -16.94 16.27
CA PHE A 59 1.76 -15.80 16.80
C PHE A 59 0.57 -16.25 17.63
N GLY A 60 0.04 -17.44 17.38
CA GLY A 60 -1.27 -17.82 17.86
C GLY A 60 -2.27 -17.71 16.73
N PRO A 61 -3.51 -18.15 16.97
CA PRO A 61 -4.51 -18.10 15.89
C PRO A 61 -4.72 -16.68 15.39
N ARG A 62 -4.68 -16.52 14.06
CA ARG A 62 -4.90 -15.22 13.44
C ARG A 62 -6.39 -15.00 13.25
N ILE A 63 -7.08 -14.87 14.38
CA ILE A 63 -8.53 -14.74 14.41
C ILE A 63 -8.85 -13.25 14.26
N PRO A 64 -9.65 -12.86 13.26
CA PRO A 64 -9.98 -11.43 13.11
C PRO A 64 -10.46 -10.81 14.41
N GLY A 65 -9.88 -9.66 14.75
CA GLY A 65 -10.26 -8.94 15.94
C GLY A 65 -9.44 -9.25 17.17
N THR A 66 -8.46 -10.14 17.08
CA THR A 66 -7.65 -10.54 18.22
C THR A 66 -6.23 -10.01 18.05
N ALA A 67 -5.48 -10.04 19.17
CA ALA A 67 -4.13 -9.47 19.21
C ALA A 67 -3.17 -10.28 18.35
N PRO A 68 -3.23 -11.61 18.35
CA PRO A 68 -2.34 -12.37 17.45
C PRO A 68 -2.57 -12.02 16.00
N HIS A 69 -3.82 -11.80 15.61
CA HIS A 69 -4.14 -11.33 14.26
C HIS A 69 -3.41 -10.04 13.95
N ARG A 70 -3.48 -9.06 14.86
CA ARG A 70 -2.87 -7.76 14.62
C ARG A 70 -1.35 -7.87 14.54
N ALA A 71 -0.74 -8.63 15.45
CA ALA A 71 0.71 -8.76 15.45
C ALA A 71 1.20 -9.50 14.21
N CYS A 72 0.51 -10.58 13.83
CA CYS A 72 0.89 -11.31 12.63
C CYS A 72 0.73 -10.44 11.39
N GLY A 73 -0.31 -9.62 11.34
CA GLY A 73 -0.48 -8.72 10.20
C GLY A 73 0.65 -7.70 10.12
N ASP A 74 1.01 -7.09 11.25
CA ASP A 74 2.17 -6.20 11.27
C ASP A 74 3.40 -6.91 10.73
N TRP A 75 3.64 -8.13 11.19
CA TRP A 75 4.82 -8.88 10.77
C TRP A 75 4.77 -9.21 9.28
N LEU A 76 3.60 -9.56 8.76
CA LEU A 76 3.47 -9.84 7.33
C LEU A 76 3.80 -8.60 6.50
N VAL A 77 3.26 -7.45 6.91
CA VAL A 77 3.55 -6.21 6.21
C VAL A 77 5.04 -5.94 6.21
N ALA A 78 5.67 -6.03 7.38
CA ALA A 78 7.10 -5.73 7.49
C ALA A 78 7.93 -6.70 6.65
N THR A 79 7.55 -7.98 6.64
CA THR A 79 8.30 -8.97 5.88
C THR A 79 8.19 -8.71 4.38
N LEU A 80 6.97 -8.46 3.90
CA LEU A 80 6.80 -8.12 2.49
C LEU A 80 7.64 -6.90 2.12
N ARG A 81 7.65 -5.88 2.97
CA ARG A 81 8.45 -4.69 2.69
C ARG A 81 9.94 -5.03 2.66
N SER A 82 10.39 -5.90 3.57
CA SER A 82 11.79 -6.31 3.57
C SER A 82 12.17 -7.09 2.32
N PHE A 83 11.20 -7.66 1.61
CA PHE A 83 11.44 -8.34 0.35
C PHE A 83 11.19 -7.43 -0.84
N GLY A 84 11.25 -6.12 -0.64
CA GLY A 84 11.22 -5.16 -1.72
C GLY A 84 9.86 -4.81 -2.27
N ALA A 85 8.78 -5.31 -1.66
CA ALA A 85 7.44 -4.99 -2.15
C ALA A 85 6.98 -3.65 -1.57
N ALA A 86 6.21 -2.92 -2.37
CA ALA A 86 5.47 -1.76 -1.87
C ALA A 86 4.16 -2.25 -1.27
N VAL A 87 3.98 -2.07 0.03
CA VAL A 87 2.88 -2.69 0.76
C VAL A 87 1.93 -1.62 1.24
N GLN A 88 0.64 -1.83 1.01
CA GLN A 88 -0.41 -1.00 1.58
C GLN A 88 -1.46 -1.91 2.18
N GLU A 89 -2.26 -1.32 3.08
CA GLU A 89 -3.27 -2.06 3.81
C GLU A 89 -4.65 -1.47 3.52
N GLN A 90 -5.62 -2.36 3.32
CA GLN A 90 -6.99 -1.98 3.05
C GLN A 90 -7.83 -2.40 4.24
N THR A 91 -8.28 -1.44 5.02
CA THR A 91 -9.01 -1.70 6.25
C THR A 91 -10.47 -1.29 6.09
N ALA A 92 -11.34 -2.04 6.77
CA ALA A 92 -12.76 -1.73 6.77
C ALA A 92 -13.41 -2.43 7.95
N GLU A 93 -14.59 -1.93 8.33
CA GLU A 93 -15.41 -2.59 9.34
C GLU A 93 -16.53 -3.32 8.61
N ILE A 94 -16.56 -4.65 8.73
CA ILE A 94 -17.54 -5.45 8.01
C ILE A 94 -18.32 -6.30 8.99
N LYS A 95 -19.56 -6.59 8.64
CA LYS A 95 -20.47 -7.32 9.52
C LYS A 95 -20.46 -8.80 9.15
N ALA A 96 -20.14 -9.65 10.12
CA ALA A 96 -20.06 -11.07 9.89
C ALA A 96 -21.47 -11.66 9.83
N HIS A 97 -21.57 -12.99 9.75
CA HIS A 97 -22.88 -13.62 9.69
C HIS A 97 -23.64 -13.48 11.01
N ASP A 98 -22.91 -13.48 12.14
CA ASP A 98 -23.52 -13.38 13.45
C ASP A 98 -23.50 -11.95 13.99
N GLY A 99 -23.46 -10.96 13.10
CA GLY A 99 -23.47 -9.57 13.50
C GLY A 99 -22.18 -9.03 14.06
N THR A 100 -21.19 -9.89 14.32
CA THR A 100 -19.91 -9.42 14.83
C THR A 100 -19.28 -8.45 13.85
N MET A 101 -18.84 -7.29 14.36
CA MET A 101 -18.16 -6.30 13.54
C MET A 101 -16.68 -6.64 13.52
N LEU A 102 -16.18 -7.03 12.35
CA LEU A 102 -14.81 -7.46 12.15
C LEU A 102 -13.99 -6.34 11.54
N PRO A 103 -12.78 -6.07 12.05
CA PRO A 103 -11.86 -5.10 11.41
C PRO A 103 -11.05 -5.76 10.29
N MET A 104 -11.70 -5.88 9.13
CA MET A 104 -11.06 -6.46 7.95
C MET A 104 -9.79 -5.70 7.62
N ARG A 105 -8.70 -6.45 7.40
CA ARG A 105 -7.39 -5.89 7.06
C ARG A 105 -6.80 -6.72 5.90
N ASN A 106 -7.07 -6.30 4.67
CA ASN A 106 -6.39 -6.89 3.52
C ASN A 106 -5.01 -6.28 3.38
N ILE A 107 -4.07 -7.08 2.88
CA ILE A 107 -2.68 -6.66 2.71
C ILE A 107 -2.33 -6.80 1.23
N ILE A 108 -1.87 -5.71 0.62
CA ILE A 108 -1.60 -5.66 -0.81
C ILE A 108 -0.13 -5.29 -0.99
N ALA A 109 0.63 -6.18 -1.63
CA ALA A 109 2.05 -5.97 -1.87
C ALA A 109 2.25 -5.92 -3.38
N SER A 110 3.00 -4.95 -3.86
CA SER A 110 3.14 -4.73 -5.28
C SER A 110 4.59 -4.55 -5.68
N TYR A 111 4.95 -5.19 -6.79
CA TYR A 111 6.22 -5.02 -7.47
C TYR A 111 5.95 -4.38 -8.82
N ARG A 112 6.73 -3.35 -9.13
CA ARG A 112 6.54 -2.54 -10.32
C ARG A 112 5.11 -2.04 -10.46
N PRO A 113 4.64 -1.21 -9.51
CA PRO A 113 3.22 -0.82 -9.52
C PRO A 113 2.81 0.00 -10.72
N GLU A 114 3.76 0.57 -11.47
CA GLU A 114 3.41 1.38 -12.63
C GLU A 114 3.11 0.53 -13.86
N ALA A 115 3.51 -0.73 -13.87
CA ALA A 115 3.35 -1.55 -15.06
C ALA A 115 1.88 -1.88 -15.30
N THR A 116 1.48 -1.86 -16.56
CA THR A 116 0.08 -2.12 -16.92
C THR A 116 -0.21 -3.61 -17.06
N GLY A 117 0.79 -4.40 -17.46
CA GLY A 117 0.63 -5.85 -17.48
C GLY A 117 0.99 -6.46 -16.14
N ARG A 118 0.03 -7.08 -15.47
CA ARG A 118 0.21 -7.49 -14.08
C ARG A 118 -0.21 -8.94 -13.88
N MET A 119 0.45 -9.58 -12.90
CA MET A 119 0.12 -10.92 -12.44
C MET A 119 -0.34 -10.82 -10.98
N LEU A 120 -1.38 -11.57 -10.64
CA LEU A 120 -1.99 -11.52 -9.31
C LEU A 120 -1.85 -12.87 -8.60
N LEU A 121 -1.39 -12.82 -7.35
CA LEU A 121 -1.23 -13.98 -6.49
C LEU A 121 -1.97 -13.70 -5.20
N MET A 122 -2.72 -14.68 -4.70
CA MET A 122 -3.66 -14.46 -3.61
C MET A 122 -3.57 -15.57 -2.58
N ALA A 123 -3.86 -15.21 -1.34
CA ALA A 123 -4.06 -16.18 -0.27
C ALA A 123 -4.81 -15.48 0.85
N HIS A 124 -5.57 -16.24 1.63
CA HIS A 124 -6.19 -15.69 2.83
C HIS A 124 -5.30 -15.97 4.03
N TRP A 125 -5.21 -15.01 4.94
CA TRP A 125 -4.26 -15.10 6.06
C TRP A 125 -4.94 -15.18 7.42
N ASP A 126 -6.27 -15.11 7.49
CA ASP A 126 -6.95 -15.27 8.77
C ASP A 126 -7.12 -16.75 9.11
N THR A 127 -7.40 -17.00 10.38
CA THR A 127 -7.70 -18.33 10.91
C THR A 127 -9.17 -18.40 11.28
N ARG A 128 -9.78 -19.56 11.08
CA ARG A 128 -11.17 -19.74 11.50
C ARG A 128 -11.25 -19.77 13.02
N PRO A 129 -12.17 -19.03 13.64
CA PRO A 129 -12.17 -18.94 15.10
C PRO A 129 -12.36 -20.27 15.82
N VAL A 130 -13.12 -21.21 15.26
CA VAL A 130 -13.37 -22.49 15.92
C VAL A 130 -13.17 -23.62 14.93
N CYS A 131 -12.54 -24.70 15.41
CA CYS A 131 -12.41 -25.93 14.64
C CYS A 131 -13.68 -26.77 14.81
N ASP A 132 -14.78 -26.24 14.29
CA ASP A 132 -16.09 -26.86 14.44
C ASP A 132 -16.31 -28.03 13.48
N GLN A 133 -15.25 -28.53 12.85
CA GLN A 133 -15.29 -29.80 12.13
C GLN A 133 -14.47 -30.88 12.81
N ASP A 134 -13.91 -30.59 13.99
CA ASP A 134 -13.14 -31.57 14.74
C ASP A 134 -13.97 -32.83 14.94
N ALA A 135 -13.34 -33.99 14.77
CA ALA A 135 -14.04 -35.25 14.97
C ALA A 135 -14.09 -35.57 16.46
N ASN A 136 -14.50 -34.57 17.25
CA ASN A 136 -14.71 -34.65 18.68
C ASN A 136 -15.62 -33.48 19.04
N PRO A 137 -16.94 -33.69 19.13
CA PRO A 137 -17.85 -32.54 19.27
C PRO A 137 -17.50 -31.58 20.41
N ALA A 138 -16.57 -31.98 21.28
CA ALA A 138 -16.17 -31.12 22.39
C ALA A 138 -15.33 -29.93 21.92
N MET A 139 -14.58 -30.09 20.84
CA MET A 139 -13.64 -29.07 20.39
C MET A 139 -14.25 -28.05 19.44
N HIS A 140 -15.56 -28.11 19.21
CA HIS A 140 -16.21 -27.17 18.29
C HIS A 140 -16.28 -25.74 18.85
N THR A 141 -15.68 -25.45 20.00
CA THR A 141 -15.65 -24.10 20.53
C THR A 141 -14.25 -23.58 20.83
N GLU A 142 -13.21 -24.36 20.53
CA GLU A 142 -11.83 -23.99 20.81
C GLU A 142 -11.14 -23.49 19.54
N THR A 143 -9.89 -23.07 19.69
CA THR A 143 -9.11 -22.50 18.59
C THR A 143 -8.09 -23.51 18.08
N PHE A 144 -7.84 -23.47 16.77
CA PHE A 144 -6.83 -24.30 16.14
C PHE A 144 -5.84 -23.40 15.40
N ASP A 145 -4.70 -23.99 15.01
CA ASP A 145 -3.57 -23.20 14.55
C ASP A 145 -3.74 -22.68 13.12
N GLY A 146 -4.54 -23.34 12.30
CA GLY A 146 -4.66 -22.92 10.91
C GLY A 146 -3.34 -22.94 10.19
N ALA A 147 -2.52 -23.98 10.41
CA ALA A 147 -1.22 -24.06 9.74
C ALA A 147 -1.39 -24.20 8.24
N ASP A 148 -2.26 -25.12 7.81
CA ASP A 148 -2.51 -25.31 6.38
C ASP A 148 -3.57 -24.34 5.90
N ASP A 149 -4.67 -24.22 6.64
CA ASP A 149 -5.78 -23.34 6.26
C ASP A 149 -5.42 -21.92 6.67
N GLY A 150 -4.70 -21.24 5.78
CA GLY A 150 -4.27 -19.87 5.99
C GLY A 150 -2.76 -19.72 6.03
N GLY A 151 -2.10 -20.60 6.77
CA GLY A 151 -0.65 -20.51 6.89
C GLY A 151 0.08 -20.90 5.61
N SER A 152 -0.38 -21.95 4.94
CA SER A 152 0.37 -22.53 3.83
C SER A 152 0.46 -21.57 2.65
N GLY A 153 -0.67 -21.05 2.19
CA GLY A 153 -0.65 -20.13 1.07
C GLY A 153 0.16 -18.88 1.35
N VAL A 154 0.00 -18.32 2.55
CA VAL A 154 0.76 -17.13 2.93
C VAL A 154 2.25 -17.43 2.94
N GLY A 155 2.65 -18.58 3.48
CA GLY A 155 4.06 -18.92 3.51
C GLY A 155 4.65 -19.07 2.12
N VAL A 156 3.94 -19.78 1.24
CA VAL A 156 4.42 -19.95 -0.13
C VAL A 156 4.58 -18.58 -0.79
N LEU A 157 3.60 -17.70 -0.61
CA LEU A 157 3.69 -16.40 -1.29
C LEU A 157 4.74 -15.50 -0.66
N LEU A 158 5.01 -15.65 0.64
CA LEU A 158 6.11 -14.90 1.25
C LEU A 158 7.45 -15.34 0.67
N GLU A 159 7.64 -16.63 0.48
CA GLU A 159 8.88 -17.11 -0.13
C GLU A 159 8.98 -16.64 -1.57
N ILE A 160 7.85 -16.65 -2.30
CA ILE A 160 7.84 -16.14 -3.67
C ILE A 160 8.18 -14.66 -3.69
N ALA A 161 7.72 -13.91 -2.68
CA ALA A 161 8.04 -12.49 -2.60
C ALA A 161 9.52 -12.27 -2.34
N ARG A 162 10.13 -13.11 -1.49
CA ARG A 162 11.59 -13.06 -1.33
C ARG A 162 12.28 -13.23 -2.68
N TYR A 163 11.92 -14.30 -3.39
CA TYR A 163 12.47 -14.54 -4.72
C TYR A 163 12.32 -13.31 -5.61
N LEU A 164 11.11 -12.75 -5.66
CA LEU A 164 10.85 -11.62 -6.56
C LEU A 164 11.66 -10.39 -6.16
N GLY A 165 11.78 -10.15 -4.86
CA GLY A 165 12.59 -9.03 -4.40
C GLY A 165 14.03 -9.17 -4.82
N GLN A 166 14.49 -10.40 -5.04
CA GLN A 166 15.86 -10.56 -5.54
C GLN A 166 15.99 -10.33 -7.05
N GLN A 167 14.89 -10.24 -7.79
CA GLN A 167 14.96 -10.08 -9.24
C GLN A 167 15.09 -8.60 -9.60
N LYS A 168 15.87 -8.33 -10.65
CA LYS A 168 16.01 -6.99 -11.19
C LYS A 168 15.42 -6.97 -12.59
N ASP A 169 14.74 -5.88 -12.93
CA ASP A 169 14.10 -5.74 -14.24
C ASP A 169 13.02 -6.82 -14.44
N LEU A 170 12.07 -6.85 -13.51
CA LEU A 170 10.89 -7.70 -13.67
C LEU A 170 10.15 -7.33 -14.95
N GLY A 171 9.73 -8.36 -15.70
CA GLY A 171 9.04 -8.13 -16.96
C GLY A 171 7.59 -7.74 -16.82
N MET A 172 6.99 -7.99 -15.67
CA MET A 172 5.61 -7.60 -15.41
C MET A 172 5.50 -7.10 -13.98
N GLY A 173 4.43 -6.35 -13.72
CA GLY A 173 4.07 -6.05 -12.35
C GLY A 173 3.48 -7.27 -11.66
N ILE A 174 3.71 -7.37 -10.36
CA ILE A 174 3.19 -8.49 -9.58
C ILE A 174 2.52 -7.97 -8.32
N ASP A 175 1.31 -8.44 -8.08
CA ASP A 175 0.58 -8.10 -6.86
C ASP A 175 0.35 -9.37 -6.06
N ILE A 176 0.72 -9.32 -4.78
CA ILE A 176 0.46 -10.38 -3.81
C ILE A 176 -0.58 -9.82 -2.84
N VAL A 177 -1.74 -10.46 -2.78
CA VAL A 177 -2.85 -9.99 -1.95
C VAL A 177 -3.18 -11.06 -0.91
N PHE A 178 -3.05 -10.67 0.36
CA PHE A 178 -3.48 -11.48 1.49
C PHE A 178 -4.85 -10.96 1.92
N PHE A 179 -5.87 -11.78 1.67
CA PHE A 179 -7.24 -11.47 2.04
C PHE A 179 -7.49 -11.81 3.50
N ASP A 180 -8.16 -10.90 4.19
CA ASP A 180 -8.62 -11.13 5.55
C ASP A 180 -10.03 -11.71 5.54
N THR A 181 -10.48 -12.17 6.71
CA THR A 181 -11.88 -12.52 6.93
C THR A 181 -12.42 -13.45 5.85
N GLU A 182 -11.61 -14.44 5.48
CA GLU A 182 -12.08 -15.48 4.56
C GLU A 182 -12.82 -16.59 5.29
N ASP A 183 -12.44 -16.88 6.53
CA ASP A 183 -12.78 -18.12 7.20
C ASP A 183 -13.73 -17.92 8.37
N TYR A 184 -14.54 -16.85 8.34
CA TYR A 184 -15.38 -16.48 9.46
C TYR A 184 -16.87 -16.73 9.18
N GLY A 185 -17.19 -17.50 8.13
CA GLY A 185 -18.57 -17.71 7.74
C GLY A 185 -19.23 -18.86 8.49
N SER A 186 -20.45 -19.17 8.06
CA SER A 186 -21.19 -20.33 8.55
C SER A 186 -21.50 -21.25 7.38
N TYR A 187 -21.47 -22.55 7.65
CA TYR A 187 -21.67 -23.52 6.58
C TYR A 187 -23.06 -23.37 5.97
N GLY A 188 -23.14 -23.51 4.65
CA GLY A 188 -24.37 -23.34 3.92
C GLY A 188 -24.66 -21.91 3.50
N ASP A 189 -24.01 -20.93 4.10
CA ASP A 189 -24.20 -19.51 3.79
C ASP A 189 -22.96 -19.05 3.02
N ASP A 190 -23.02 -19.14 1.69
CA ASP A 190 -21.84 -18.89 0.87
C ASP A 190 -21.35 -17.46 1.00
N GLU A 191 -22.26 -16.50 1.10
CA GLU A 191 -21.87 -15.10 1.16
C GLU A 191 -21.19 -14.73 2.47
N SER A 192 -21.27 -15.57 3.49
CA SER A 192 -20.64 -15.26 4.78
C SER A 192 -19.14 -15.51 4.75
N TRP A 193 -18.63 -16.21 3.74
CA TRP A 193 -17.21 -16.48 3.59
C TRP A 193 -16.59 -15.52 2.58
N CYS A 194 -15.27 -15.46 2.59
CA CYS A 194 -14.52 -14.71 1.58
C CYS A 194 -14.87 -13.23 1.60
N LEU A 195 -14.98 -12.66 2.80
CA LEU A 195 -15.42 -11.28 2.92
C LEU A 195 -14.33 -10.31 2.46
N GLY A 196 -13.08 -10.59 2.79
CA GLY A 196 -11.99 -9.72 2.35
C GLY A 196 -11.88 -9.66 0.84
N SER A 197 -12.01 -10.81 0.17
CA SER A 197 -11.90 -10.83 -1.28
C SER A 197 -13.12 -10.17 -1.93
N GLN A 198 -14.31 -10.40 -1.37
CA GLN A 198 -15.48 -9.69 -1.86
C GLN A 198 -15.25 -8.18 -1.80
N TYR A 199 -14.82 -7.68 -0.63
CA TYR A 199 -14.61 -6.26 -0.47
C TYR A 199 -13.57 -5.73 -1.44
N TRP A 200 -12.42 -6.41 -1.52
CA TRP A 200 -11.35 -5.91 -2.39
C TRP A 200 -11.76 -5.93 -3.84
N SER A 201 -12.38 -7.02 -4.30
CA SER A 201 -12.78 -7.11 -5.70
C SER A 201 -13.84 -6.07 -6.03
N ARG A 202 -14.66 -5.68 -5.06
CA ARG A 202 -15.62 -4.60 -5.30
C ARG A 202 -15.02 -3.22 -5.09
N ASN A 203 -13.86 -3.12 -4.44
CA ASN A 203 -13.23 -1.84 -4.13
C ASN A 203 -11.73 -1.99 -4.27
N PRO A 204 -11.23 -2.22 -5.49
CA PRO A 204 -9.80 -2.45 -5.67
C PRO A 204 -8.98 -1.22 -5.29
N HIS A 205 -7.71 -1.48 -4.95
CA HIS A 205 -6.81 -0.41 -4.52
C HIS A 205 -6.43 0.54 -5.65
N VAL A 206 -6.71 0.20 -6.90
CA VAL A 206 -6.53 1.11 -8.03
C VAL A 206 -7.74 0.96 -8.93
N ALA A 207 -8.25 2.09 -9.41
CA ALA A 207 -9.45 2.08 -10.22
C ALA A 207 -9.24 1.25 -11.48
N GLY A 208 -10.17 0.34 -11.75
CA GLY A 208 -10.05 -0.53 -12.89
C GLY A 208 -8.91 -1.52 -12.82
N TYR A 209 -8.47 -1.88 -11.61
CA TYR A 209 -7.38 -2.84 -11.47
C TYR A 209 -7.61 -4.04 -12.36
N LYS A 210 -6.59 -4.38 -13.15
CA LYS A 210 -6.65 -5.55 -14.01
C LYS A 210 -5.33 -6.30 -13.91
N ALA A 211 -5.41 -7.62 -13.96
CA ALA A 211 -4.24 -8.47 -14.11
C ALA A 211 -4.52 -9.44 -15.25
N GLU A 212 -3.45 -9.92 -15.87
CA GLU A 212 -3.59 -10.91 -16.93
C GLU A 212 -4.10 -12.23 -16.39
N ALA A 213 -3.77 -12.55 -15.13
CA ALA A 213 -4.11 -13.84 -14.56
C ALA A 213 -4.02 -13.76 -13.04
N GLY A 214 -4.77 -14.62 -12.37
CA GLY A 214 -4.76 -14.68 -10.92
C GLY A 214 -4.63 -16.11 -10.42
N ILE A 215 -3.75 -16.32 -9.45
CA ILE A 215 -3.56 -17.63 -8.84
C ILE A 215 -3.81 -17.49 -7.35
N LEU A 216 -4.80 -18.23 -6.84
CA LEU A 216 -5.08 -18.29 -5.42
C LEU A 216 -4.50 -19.57 -4.86
N LEU A 217 -3.81 -19.48 -3.73
CA LEU A 217 -3.32 -20.65 -3.01
C LEU A 217 -4.13 -20.81 -1.74
N ASP A 218 -4.72 -21.99 -1.54
CA ASP A 218 -5.53 -22.25 -0.36
C ASP A 218 -5.30 -23.68 0.09
N MET A 219 -4.71 -23.85 1.27
CA MET A 219 -4.41 -25.18 1.82
C MET A 219 -3.51 -25.96 0.86
N VAL A 220 -2.27 -25.46 0.76
CA VAL A 220 -1.29 -25.98 -0.19
C VAL A 220 -0.08 -26.54 0.55
N GLY A 221 -0.28 -27.06 1.76
CA GLY A 221 0.85 -27.52 2.56
C GLY A 221 0.71 -28.87 3.24
N ALA A 222 -0.45 -29.50 3.20
CA ALA A 222 -0.68 -30.73 3.95
C ALA A 222 -0.09 -31.93 3.21
N LYS A 223 0.48 -32.85 3.99
CA LYS A 223 0.97 -34.10 3.41
C LYS A 223 -0.15 -34.81 2.67
N GLY A 224 0.17 -35.33 1.49
CA GLY A 224 -0.79 -36.04 0.68
C GLY A 224 -1.78 -35.18 -0.07
N ALA A 225 -1.56 -33.86 -0.12
CA ALA A 225 -2.49 -32.96 -0.77
C ALA A 225 -2.72 -33.36 -2.22
N THR A 226 -3.94 -33.13 -2.70
CA THR A 226 -4.32 -33.37 -4.09
C THR A 226 -4.92 -32.10 -4.65
N PHE A 227 -4.33 -31.57 -5.73
CA PHE A 227 -4.81 -30.36 -6.38
C PHE A 227 -5.46 -30.77 -7.69
N TYR A 228 -6.78 -30.91 -7.67
CA TYR A 228 -7.57 -31.22 -8.86
C TYR A 228 -8.05 -29.92 -9.51
N TRP A 229 -8.59 -30.04 -10.72
CA TRP A 229 -9.19 -28.89 -11.39
C TRP A 229 -10.41 -28.40 -10.62
N GLU A 230 -10.29 -27.26 -9.95
CA GLU A 230 -11.46 -26.66 -9.32
C GLU A 230 -12.39 -26.14 -10.42
N TYR A 231 -13.69 -26.35 -10.24
CA TYR A 231 -14.62 -26.18 -11.35
C TYR A 231 -14.64 -24.75 -11.87
N PHE A 232 -14.85 -23.77 -10.99
CA PHE A 232 -14.93 -22.39 -11.46
C PHE A 232 -13.61 -21.96 -12.09
N SER A 233 -12.49 -22.43 -11.55
CA SER A 233 -11.18 -22.12 -12.12
C SER A 233 -11.09 -22.57 -13.56
N LYS A 234 -11.47 -23.82 -13.84
CA LYS A 234 -11.33 -24.35 -15.19
C LYS A 234 -12.41 -23.77 -16.12
N SER A 235 -13.58 -23.46 -15.56
CA SER A 235 -14.66 -22.92 -16.39
C SER A 235 -14.36 -21.50 -16.85
N TYR A 236 -13.76 -20.67 -15.97
CA TYR A 236 -13.50 -19.29 -16.32
C TYR A 236 -12.07 -19.01 -16.76
N ALA A 237 -11.12 -19.91 -16.47
CA ALA A 237 -9.71 -19.69 -16.81
C ALA A 237 -9.09 -21.01 -17.29
N PRO A 238 -9.64 -21.59 -18.36
CA PRO A 238 -9.09 -22.88 -18.83
C PRO A 238 -7.64 -22.80 -19.28
N GLY A 239 -7.26 -21.72 -19.95
CA GLY A 239 -5.87 -21.59 -20.38
C GLY A 239 -4.90 -21.51 -19.21
N LEU A 240 -5.25 -20.73 -18.20
CA LEU A 240 -4.37 -20.59 -17.03
C LEU A 240 -4.25 -21.91 -16.28
N ILE A 241 -5.38 -22.60 -16.07
CA ILE A 241 -5.33 -23.86 -15.34
C ILE A 241 -4.50 -24.88 -16.11
N SER A 242 -4.66 -24.93 -17.44
CA SER A 242 -3.86 -25.84 -18.25
C SER A 242 -2.38 -25.50 -18.15
N ALA A 243 -2.04 -24.21 -18.29
CA ALA A 243 -0.64 -23.81 -18.23
C ALA A 243 -0.01 -24.20 -16.89
N VAL A 244 -0.72 -23.96 -15.79
CA VAL A 244 -0.15 -24.23 -14.47
C VAL A 244 -0.01 -25.73 -14.24
N TRP A 245 -1.04 -26.50 -14.58
CA TRP A 245 -0.98 -27.94 -14.35
C TRP A 245 0.08 -28.59 -15.24
N GLN A 246 0.25 -28.10 -16.47
CA GLN A 246 1.29 -28.64 -17.33
C GLN A 246 2.68 -28.23 -16.86
N THR A 247 2.81 -27.01 -16.33
CA THR A 247 4.07 -26.61 -15.72
C THR A 247 4.43 -27.55 -14.57
N ALA A 248 3.46 -27.83 -13.70
CA ALA A 248 3.69 -28.78 -12.62
C ALA A 248 4.07 -30.15 -13.16
N ALA A 249 3.37 -30.62 -14.20
CA ALA A 249 3.70 -31.92 -14.78
C ALA A 249 5.14 -31.95 -15.27
N ALA A 250 5.57 -30.91 -15.98
CA ALA A 250 6.93 -30.87 -16.49
C ALA A 250 7.96 -30.93 -15.37
N LEU A 251 7.63 -30.38 -14.21
CA LEU A 251 8.54 -30.38 -13.06
C LEU A 251 8.51 -31.68 -12.27
N GLY A 252 7.64 -32.62 -12.64
CA GLY A 252 7.53 -33.88 -11.92
C GLY A 252 6.54 -33.89 -10.80
N TYR A 253 5.58 -32.97 -10.79
CA TYR A 253 4.61 -32.84 -9.71
C TYR A 253 3.22 -33.31 -10.11
N GLY A 254 3.13 -34.18 -11.12
CA GLY A 254 1.86 -34.77 -11.50
C GLY A 254 1.23 -35.64 -10.42
N ASN A 255 1.98 -35.96 -9.37
CA ASN A 255 1.41 -36.66 -8.22
C ASN A 255 0.65 -35.72 -7.29
N TYR A 256 0.81 -34.40 -7.45
CA TYR A 256 0.06 -33.42 -6.69
C TYR A 256 -0.96 -32.67 -7.55
N PHE A 257 -0.55 -32.17 -8.71
CA PHE A 257 -1.45 -31.48 -9.64
C PHE A 257 -2.05 -32.52 -10.59
N ILE A 258 -3.24 -33.00 -10.23
CA ILE A 258 -3.92 -34.05 -10.98
C ILE A 258 -4.78 -33.43 -12.05
N GLN A 259 -4.65 -33.94 -13.28
CA GLN A 259 -5.41 -33.42 -14.43
C GLN A 259 -6.77 -34.12 -14.50
N ALA A 260 -7.61 -33.80 -13.53
CA ALA A 260 -8.95 -34.36 -13.45
C ALA A 260 -9.83 -33.41 -12.67
N ASP A 261 -11.14 -33.52 -12.90
CA ASP A 261 -12.07 -32.61 -12.24
C ASP A 261 -12.03 -32.78 -10.74
N GLY A 262 -12.03 -31.66 -10.03
CA GLY A 262 -12.14 -31.65 -8.59
C GLY A 262 -13.51 -31.16 -8.17
N GLY A 263 -13.56 -30.24 -7.21
CA GLY A 263 -14.81 -29.72 -6.72
C GLY A 263 -15.11 -28.33 -7.27
N ALA A 264 -16.34 -27.90 -7.04
CA ALA A 264 -16.76 -26.54 -7.35
C ALA A 264 -16.75 -25.80 -6.02
N LEU A 265 -15.74 -24.96 -5.84
CA LEU A 265 -15.41 -24.40 -4.53
C LEU A 265 -15.46 -22.88 -4.62
N THR A 266 -16.38 -22.28 -3.87
CA THR A 266 -16.55 -20.84 -3.84
C THR A 266 -15.52 -20.27 -2.87
N ASP A 267 -14.37 -19.89 -3.41
CA ASP A 267 -13.21 -19.43 -2.65
C ASP A 267 -12.94 -17.97 -3.01
N ASP A 268 -11.82 -17.44 -2.53
CA ASP A 268 -11.51 -16.02 -2.72
C ASP A 268 -11.35 -15.64 -4.19
N HIS A 269 -11.15 -16.62 -5.08
CA HIS A 269 -10.96 -16.31 -6.49
C HIS A 269 -12.27 -15.97 -7.22
N VAL A 270 -13.41 -16.39 -6.70
CA VAL A 270 -14.69 -16.23 -7.39
C VAL A 270 -15.11 -14.76 -7.37
N PRO A 271 -15.04 -14.06 -6.24
CA PRO A 271 -15.34 -12.62 -6.30
C PRO A 271 -14.43 -11.86 -7.24
N VAL A 272 -13.14 -12.23 -7.30
CA VAL A 272 -12.23 -11.58 -8.22
C VAL A 272 -12.68 -11.82 -9.66
N ILE A 273 -12.98 -13.07 -10.00
CA ILE A 273 -13.47 -13.38 -11.35
C ILE A 273 -14.72 -12.56 -11.66
N LYS A 274 -15.68 -12.56 -10.74
CA LYS A 274 -16.99 -11.99 -11.05
C LYS A 274 -16.95 -10.47 -11.14
N ASN A 275 -16.23 -9.82 -10.23
CA ASN A 275 -16.28 -8.36 -10.11
C ASN A 275 -15.15 -7.65 -10.83
N LEU A 276 -14.03 -8.32 -11.11
CA LEU A 276 -12.93 -7.70 -11.84
C LEU A 276 -12.68 -8.35 -13.19
N GLY A 277 -13.31 -9.48 -13.49
CA GLY A 277 -13.13 -10.11 -14.79
C GLY A 277 -11.75 -10.70 -15.01
N ILE A 278 -11.02 -10.98 -13.94
CA ILE A 278 -9.67 -11.54 -14.07
C ILE A 278 -9.78 -13.06 -14.12
N PRO A 279 -9.16 -13.74 -15.09
CA PRO A 279 -9.15 -15.20 -15.04
C PRO A 279 -8.32 -15.70 -13.87
N CYS A 280 -8.98 -16.35 -12.90
CA CYS A 280 -8.30 -16.83 -11.70
C CYS A 280 -8.49 -18.33 -11.54
N ILE A 281 -7.46 -18.99 -11.04
CA ILE A 281 -7.55 -20.39 -10.64
C ILE A 281 -7.28 -20.50 -9.15
N ASP A 282 -7.74 -21.61 -8.57
CA ASP A 282 -7.59 -21.90 -7.15
C ASP A 282 -6.83 -23.22 -7.02
N ILE A 283 -5.63 -23.14 -6.47
CA ILE A 283 -4.84 -24.32 -6.14
C ILE A 283 -5.17 -24.66 -4.68
N ILE A 284 -5.88 -25.77 -4.49
CA ILE A 284 -6.47 -26.07 -3.20
C ILE A 284 -6.54 -27.57 -3.02
N ASN A 285 -6.17 -28.03 -1.83
CA ASN A 285 -6.22 -29.44 -1.48
C ASN A 285 -7.67 -29.86 -1.28
N TYR A 286 -8.20 -30.63 -2.22
CA TYR A 286 -9.58 -31.08 -2.16
C TYR A 286 -9.73 -32.32 -3.02
N SER A 287 -10.56 -33.26 -2.56
CA SER A 287 -10.89 -34.43 -3.34
C SER A 287 -12.26 -34.93 -2.91
N SER A 288 -13.11 -35.28 -3.88
CA SER A 288 -14.40 -35.86 -3.56
C SER A 288 -14.24 -37.18 -2.81
N LYS A 289 -13.06 -37.80 -2.87
CA LYS A 289 -12.80 -39.02 -2.10
C LYS A 289 -12.64 -38.74 -0.61
N ASN A 290 -12.41 -37.49 -0.22
CA ASN A 290 -12.31 -37.15 1.19
C ASN A 290 -13.70 -37.00 1.80
N GLU A 291 -13.81 -37.41 3.06
CA GLU A 291 -15.10 -37.32 3.75
C GLU A 291 -15.67 -35.91 3.68
N HIS A 292 -14.82 -34.90 3.88
CA HIS A 292 -15.24 -33.50 3.85
C HIS A 292 -14.79 -32.80 2.58
N GLY A 293 -14.29 -33.52 1.59
CA GLY A 293 -13.77 -32.88 0.40
C GLY A 293 -12.39 -32.34 0.65
N PHE A 294 -12.30 -31.34 1.53
CA PHE A 294 -11.02 -30.88 2.02
C PHE A 294 -10.36 -31.98 2.84
N GLY A 295 -9.07 -31.81 3.10
CA GLY A 295 -8.35 -32.79 3.91
C GLY A 295 -9.01 -33.01 5.26
N ASP A 296 -8.77 -34.20 5.83
CA ASP A 296 -9.37 -34.54 7.10
C ASP A 296 -8.98 -33.57 8.20
N HIS A 297 -7.84 -32.89 8.06
CA HIS A 297 -7.40 -31.92 9.06
C HIS A 297 -8.19 -30.62 9.00
N TRP A 298 -8.92 -30.38 7.91
CA TRP A 298 -9.56 -29.09 7.68
C TRP A 298 -10.53 -28.76 8.82
N HIS A 299 -10.30 -27.62 9.46
CA HIS A 299 -11.16 -27.12 10.54
C HIS A 299 -11.21 -28.11 11.70
N THR A 300 -10.08 -28.74 12.00
CA THR A 300 -9.91 -29.55 13.19
C THR A 300 -8.65 -29.10 13.92
N GLN A 301 -8.45 -29.61 15.13
CA GLN A 301 -7.23 -29.33 15.84
C GLN A 301 -6.01 -29.89 15.13
N ARG A 302 -6.19 -30.84 14.21
CA ARG A 302 -5.07 -31.44 13.49
C ARG A 302 -4.52 -30.55 12.40
N ASP A 303 -5.17 -29.42 12.09
CA ASP A 303 -4.58 -28.46 11.15
C ASP A 303 -3.54 -27.64 11.91
N ASN A 304 -2.40 -28.30 12.16
CA ASN A 304 -1.27 -27.72 12.87
C ASN A 304 0.00 -28.05 12.10
N MET A 305 1.14 -27.65 12.67
CA MET A 305 2.40 -27.78 11.94
C MET A 305 2.74 -29.22 11.60
N GLN A 306 2.26 -30.18 12.40
CA GLN A 306 2.57 -31.58 12.12
C GLN A 306 1.93 -32.09 10.84
N ILE A 307 0.94 -31.37 10.30
CA ILE A 307 0.32 -31.77 9.04
C ILE A 307 1.11 -31.25 7.83
N ILE A 308 1.99 -30.29 8.02
CA ILE A 308 2.66 -29.63 6.90
C ILE A 308 3.75 -30.52 6.35
N ASP A 309 3.81 -30.61 5.02
CA ASP A 309 4.85 -31.36 4.32
C ASP A 309 5.63 -30.39 3.44
N LYS A 310 6.93 -30.28 3.68
CA LYS A 310 7.77 -29.38 2.88
C LYS A 310 7.71 -29.69 1.40
N ASN A 311 7.54 -30.97 1.04
CA ASN A 311 7.54 -31.34 -0.37
C ASN A 311 6.31 -30.79 -1.09
N VAL A 312 5.18 -30.69 -0.40
CA VAL A 312 3.98 -30.09 -1.00
C VAL A 312 4.19 -28.60 -1.22
N LEU A 313 4.65 -27.90 -0.18
CA LEU A 313 5.00 -26.50 -0.31
C LEU A 313 5.94 -26.29 -1.49
N ASP A 314 6.94 -27.16 -1.62
CA ASP A 314 7.92 -27.01 -2.69
C ASP A 314 7.30 -27.26 -4.05
N ALA A 315 6.47 -28.28 -4.18
CA ALA A 315 5.79 -28.52 -5.46
C ALA A 315 5.03 -27.28 -5.89
N VAL A 316 4.21 -26.73 -4.99
CA VAL A 316 3.40 -25.58 -5.34
C VAL A 316 4.30 -24.38 -5.67
N GLY A 317 5.30 -24.12 -4.84
CA GLY A 317 6.11 -22.93 -5.01
C GLY A 317 6.99 -22.98 -6.25
N GLU A 318 7.64 -24.12 -6.49
CA GLU A 318 8.42 -24.28 -7.72
C GLU A 318 7.54 -24.14 -8.94
N THR A 319 6.34 -24.74 -8.92
CA THR A 319 5.43 -24.62 -10.05
C THR A 319 5.08 -23.15 -10.30
N VAL A 320 4.69 -22.43 -9.25
CA VAL A 320 4.25 -21.05 -9.42
C VAL A 320 5.41 -20.18 -9.89
N ILE A 321 6.61 -20.39 -9.33
CA ILE A 321 7.75 -19.58 -9.75
C ILE A 321 8.09 -19.84 -11.21
N ARG A 322 8.06 -21.11 -11.64
CA ARG A 322 8.38 -21.37 -13.03
C ARG A 322 7.35 -20.74 -13.96
N TYR A 323 6.07 -20.83 -13.59
CA TYR A 323 5.04 -20.17 -14.38
C TYR A 323 5.30 -18.68 -14.48
N LEU A 324 5.60 -18.03 -13.34
CA LEU A 324 5.90 -16.61 -13.37
C LEU A 324 7.08 -16.30 -14.27
N ASP A 325 8.16 -17.07 -14.12
CA ASP A 325 9.35 -16.86 -14.93
C ASP A 325 9.01 -16.91 -16.41
N GLU A 326 8.27 -17.93 -16.83
CA GLU A 326 7.92 -18.06 -18.24
C GLU A 326 6.84 -17.06 -18.67
N GLN A 327 6.21 -16.34 -17.74
CA GLN A 327 5.30 -15.28 -18.13
C GLN A 327 5.96 -13.91 -18.21
N VAL A 328 6.99 -13.64 -17.41
CA VAL A 328 7.70 -12.38 -17.53
C VAL A 328 8.65 -12.51 -18.72
N LYS A 329 8.16 -12.18 -19.90
CA LYS A 329 8.89 -12.40 -21.13
C LYS A 329 8.61 -11.31 -22.16
N ALA B 41 22.09 5.59 -3.67
CA ALA B 41 21.30 5.77 -2.46
C ALA B 41 19.88 5.23 -2.66
N ASP B 42 19.43 4.36 -1.76
CA ASP B 42 18.07 3.84 -1.82
C ASP B 42 17.45 3.79 -0.42
N LEU B 43 17.53 4.89 0.33
CA LEU B 43 16.78 4.99 1.57
C LEU B 43 15.30 5.25 1.34
N PHE B 44 14.91 5.59 0.11
CA PHE B 44 13.56 6.03 -0.21
C PHE B 44 13.00 5.12 -1.30
N SER B 45 11.92 4.41 -0.99
CA SER B 45 11.29 3.49 -1.94
C SER B 45 10.41 4.27 -2.91
N ALA B 46 10.86 4.36 -4.17
CA ALA B 46 10.06 5.03 -5.19
C ALA B 46 8.76 4.29 -5.44
N ASP B 47 8.80 2.95 -5.43
CA ASP B 47 7.59 2.16 -5.62
C ASP B 47 6.55 2.48 -4.55
N SER B 48 6.98 2.57 -3.29
CA SER B 48 6.05 2.84 -2.20
C SER B 48 5.42 4.22 -2.36
N ALA B 49 6.22 5.23 -2.67
CA ALA B 49 5.68 6.58 -2.90
C ALA B 49 4.69 6.57 -4.04
N TYR B 50 5.05 5.91 -5.14
CA TYR B 50 4.14 5.77 -6.27
C TYR B 50 2.81 5.19 -5.82
N THR B 51 2.85 4.14 -5.00
CA THR B 51 1.60 3.53 -4.55
C THR B 51 0.81 4.46 -3.64
N PHE B 52 1.49 5.27 -2.82
CA PHE B 52 0.76 6.25 -2.01
C PHE B 52 0.00 7.23 -2.89
N VAL B 53 0.65 7.72 -3.95
CA VAL B 53 -0.02 8.62 -4.89
C VAL B 53 -1.20 7.90 -5.53
N GLN B 54 -0.96 6.67 -5.99
CA GLN B 54 -2.00 5.85 -6.61
C GLN B 54 -3.22 5.72 -5.70
N ARG B 55 -2.98 5.47 -4.41
CA ARG B 55 -4.08 5.25 -3.46
C ARG B 55 -4.88 6.53 -3.24
N GLN B 56 -4.16 7.63 -2.98
CA GLN B 56 -4.83 8.93 -2.90
C GLN B 56 -5.77 9.11 -4.09
N VAL B 57 -5.24 8.90 -5.30
CA VAL B 57 -6.07 9.10 -6.49
C VAL B 57 -7.23 8.12 -6.50
N ASN B 58 -6.98 6.89 -6.03
CA ASN B 58 -8.02 5.86 -6.02
C ASN B 58 -9.24 6.30 -5.23
N PHE B 59 -9.04 7.12 -4.19
CA PHE B 59 -10.22 7.60 -3.47
C PHE B 59 -11.16 8.42 -4.34
N GLY B 60 -10.66 9.01 -5.43
CA GLY B 60 -11.39 10.04 -6.15
C GLY B 60 -10.85 11.40 -5.79
N PRO B 61 -11.33 12.45 -6.48
CA PRO B 61 -10.80 13.80 -6.19
C PRO B 61 -11.01 14.16 -4.73
N ARG B 62 -9.92 14.65 -4.10
CA ARG B 62 -9.95 15.06 -2.70
C ARG B 62 -10.42 16.52 -2.61
N ILE B 63 -11.68 16.71 -2.94
CA ILE B 63 -12.30 18.03 -2.97
C ILE B 63 -12.83 18.34 -1.58
N PRO B 64 -12.42 19.44 -0.95
CA PRO B 64 -12.94 19.76 0.39
C PRO B 64 -14.46 19.70 0.44
N GLY B 65 -14.98 19.01 1.46
CA GLY B 65 -16.41 18.89 1.66
C GLY B 65 -17.06 17.67 1.03
N THR B 66 -16.29 16.82 0.35
CA THR B 66 -16.83 15.66 -0.33
C THR B 66 -16.39 14.38 0.39
N ALA B 67 -17.06 13.27 0.05
CA ALA B 67 -16.83 12.00 0.71
C ALA B 67 -15.45 11.44 0.39
N PRO B 68 -14.97 11.52 -0.85
CA PRO B 68 -13.61 11.05 -1.13
C PRO B 68 -12.56 11.81 -0.32
N HIS B 69 -12.78 13.11 -0.13
CA HIS B 69 -11.90 13.90 0.73
C HIS B 69 -11.82 13.30 2.13
N ARG B 70 -12.98 12.99 2.72
CA ARG B 70 -13.01 12.46 4.08
C ARG B 70 -12.38 11.08 4.15
N ALA B 71 -12.64 10.22 3.16
CA ALA B 71 -12.07 8.87 3.18
C ALA B 71 -10.56 8.95 3.04
N CYS B 72 -10.06 9.80 2.15
CA CYS B 72 -8.62 9.94 1.98
C CYS B 72 -7.98 10.51 3.25
N GLY B 73 -8.65 11.46 3.90
CA GLY B 73 -8.11 11.99 5.15
C GLY B 73 -8.04 10.95 6.25
N ASP B 74 -9.10 10.16 6.41
CA ASP B 74 -9.07 9.05 7.35
C ASP B 74 -7.90 8.12 7.06
N TRP B 75 -7.71 7.78 5.78
CA TRP B 75 -6.63 6.87 5.41
C TRP B 75 -5.26 7.48 5.69
N LEU B 76 -5.11 8.78 5.42
CA LEU B 76 -3.84 9.45 5.69
C LEU B 76 -3.52 9.42 7.18
N VAL B 77 -4.51 9.73 8.02
CA VAL B 77 -4.31 9.69 9.46
C VAL B 77 -3.89 8.29 9.90
N ALA B 78 -4.63 7.27 9.44
CA ALA B 78 -4.33 5.91 9.85
C ALA B 78 -2.95 5.48 9.38
N THR B 79 -2.57 5.86 8.15
CA THR B 79 -1.28 5.47 7.62
C THR B 79 -0.14 6.13 8.40
N LEU B 80 -0.27 7.44 8.66
CA LEU B 80 0.73 8.12 9.47
C LEU B 80 0.86 7.47 10.84
N ARG B 81 -0.26 7.10 11.46
CA ARG B 81 -0.18 6.44 12.76
C ARG B 81 0.51 5.09 12.65
N SER B 82 0.26 4.35 11.55
CA SER B 82 0.94 3.07 11.36
C SER B 82 2.44 3.25 11.21
N PHE B 83 2.91 4.45 10.84
CA PHE B 83 4.32 4.75 10.75
C PHE B 83 4.88 5.40 12.01
N GLY B 84 4.21 5.23 13.14
CA GLY B 84 4.76 5.62 14.42
C GLY B 84 4.65 7.10 14.77
N ALA B 85 3.94 7.88 13.97
CA ALA B 85 3.79 9.30 14.25
C ALA B 85 2.67 9.56 15.26
N ALA B 86 2.85 10.60 16.06
CA ALA B 86 1.76 11.14 16.85
C ALA B 86 0.95 12.06 15.94
N VAL B 87 -0.30 11.70 15.67
CA VAL B 87 -1.09 12.34 14.64
C VAL B 87 -2.26 13.06 15.30
N GLN B 88 -2.46 14.31 14.91
CA GLN B 88 -3.65 15.06 15.27
C GLN B 88 -4.22 15.74 14.04
N GLU B 89 -5.48 16.10 14.16
CA GLU B 89 -6.22 16.74 13.08
C GLU B 89 -6.65 18.12 13.56
N GLN B 90 -6.46 19.11 12.70
CA GLN B 90 -6.81 20.49 13.01
C GLN B 90 -7.99 20.83 12.10
N THR B 91 -9.18 20.92 12.68
CA THR B 91 -10.40 21.13 11.93
C THR B 91 -10.92 22.54 12.17
N ALA B 92 -11.49 23.12 11.12
CA ALA B 92 -12.07 24.46 11.25
C ALA B 92 -12.99 24.71 10.08
N GLU B 93 -13.84 25.72 10.24
CA GLU B 93 -14.70 26.21 9.17
C GLU B 93 -14.07 27.48 8.59
N ILE B 94 -13.75 27.45 7.30
CA ILE B 94 -13.02 28.54 6.67
C ILE B 94 -13.85 29.10 5.54
N LYS B 95 -13.68 30.40 5.27
CA LYS B 95 -14.46 31.08 4.25
C LYS B 95 -13.64 31.19 2.97
N ALA B 96 -14.15 30.63 1.89
CA ALA B 96 -13.48 30.57 0.60
C ALA B 96 -13.61 31.90 -0.15
N HIS B 97 -13.19 31.90 -1.41
CA HIS B 97 -13.30 33.09 -2.23
C HIS B 97 -14.75 33.42 -2.54
N ASP B 98 -15.59 32.40 -2.73
CA ASP B 98 -17.00 32.59 -3.03
C ASP B 98 -17.89 32.45 -1.81
N GLY B 99 -17.35 32.67 -0.61
CA GLY B 99 -18.13 32.63 0.61
C GLY B 99 -18.51 31.25 1.08
N THR B 100 -18.32 30.21 0.28
CA THR B 100 -18.65 28.85 0.70
C THR B 100 -17.86 28.48 1.94
N MET B 101 -18.54 27.88 2.92
CA MET B 101 -17.89 27.45 4.15
C MET B 101 -17.26 26.08 3.92
N LEU B 102 -15.92 26.02 3.98
CA LEU B 102 -15.13 24.82 3.74
C LEU B 102 -14.75 24.18 5.06
N PRO B 103 -14.91 22.85 5.22
CA PRO B 103 -14.43 22.17 6.44
C PRO B 103 -12.96 21.77 6.37
N MET B 104 -12.10 22.75 6.64
CA MET B 104 -10.66 22.54 6.64
C MET B 104 -10.27 21.45 7.64
N ARG B 105 -9.45 20.50 7.17
CA ARG B 105 -8.87 19.46 8.03
C ARG B 105 -7.38 19.33 7.69
N ASN B 106 -6.54 20.06 8.43
CA ASN B 106 -5.10 19.86 8.35
C ASN B 106 -4.72 18.63 9.17
N ILE B 107 -3.68 17.94 8.71
CA ILE B 107 -3.22 16.70 9.37
C ILE B 107 -1.77 16.90 9.79
N ILE B 108 -1.50 16.70 11.07
CA ILE B 108 -0.18 16.97 11.64
C ILE B 108 0.35 15.69 12.28
N ALA B 109 1.51 15.23 11.80
CA ALA B 109 2.15 14.03 12.30
C ALA B 109 3.50 14.43 12.90
N SER B 110 3.81 13.94 14.09
CA SER B 110 4.99 14.38 14.81
C SER B 110 5.81 13.20 15.31
N TYR B 111 7.12 13.32 15.15
CA TYR B 111 8.11 12.41 15.71
C TYR B 111 8.91 13.18 16.74
N ARG B 112 9.12 12.56 17.90
CA ARG B 112 9.72 13.21 19.07
C ARG B 112 9.00 14.53 19.37
N PRO B 113 7.71 14.48 19.70
CA PRO B 113 6.95 15.73 19.89
C PRO B 113 7.47 16.60 21.02
N GLU B 114 8.32 16.07 21.91
CA GLU B 114 8.87 16.86 22.99
C GLU B 114 10.07 17.70 22.58
N ALA B 115 10.69 17.40 21.45
CA ALA B 115 11.95 18.05 21.09
C ALA B 115 11.73 19.51 20.74
N THR B 116 12.68 20.35 21.17
CA THR B 116 12.61 21.79 20.91
C THR B 116 13.20 22.16 19.55
N GLY B 117 14.22 21.44 19.10
CA GLY B 117 14.76 21.63 17.77
C GLY B 117 14.02 20.75 16.78
N ARG B 118 13.33 21.36 15.83
CA ARG B 118 12.39 20.64 14.98
C ARG B 118 12.63 20.95 13.51
N MET B 119 12.28 19.97 12.68
CA MET B 119 12.25 20.10 11.23
C MET B 119 10.81 19.99 10.77
N LEU B 120 10.43 20.83 9.80
CA LEU B 120 9.06 20.88 9.31
C LEU B 120 9.03 20.46 7.85
N LEU B 121 8.12 19.55 7.51
CA LEU B 121 7.91 19.07 6.16
C LEU B 121 6.44 19.24 5.83
N MET B 122 6.15 19.76 4.64
CA MET B 122 4.80 20.19 4.32
C MET B 122 4.38 19.73 2.94
N ALA B 123 3.08 19.51 2.78
CA ALA B 123 2.47 19.31 1.47
C ALA B 123 0.99 19.56 1.60
N HIS B 124 0.34 19.99 0.52
CA HIS B 124 -1.10 20.11 0.52
C HIS B 124 -1.72 18.85 -0.05
N TRP B 125 -2.84 18.41 0.52
CA TRP B 125 -3.42 17.12 0.18
C TRP B 125 -4.79 17.22 -0.48
N ASP B 126 -5.36 18.41 -0.61
CA ASP B 126 -6.63 18.55 -1.29
C ASP B 126 -6.42 18.62 -2.81
N THR B 127 -7.52 18.39 -3.55
CA THR B 127 -7.55 18.50 -4.99
C THR B 127 -8.35 19.74 -5.39
N ARG B 128 -7.94 20.40 -6.47
CA ARG B 128 -8.70 21.53 -6.96
C ARG B 128 -10.00 21.02 -7.58
N PRO B 129 -11.15 21.62 -7.25
CA PRO B 129 -12.42 21.07 -7.74
C PRO B 129 -12.53 20.99 -9.27
N VAL B 130 -11.99 21.96 -9.99
CA VAL B 130 -11.93 21.87 -11.45
C VAL B 130 -10.66 22.53 -11.97
N THR B 143 -13.94 17.08 -13.00
CA THR B 143 -12.97 16.90 -11.94
C THR B 143 -11.76 16.10 -12.45
N PHE B 144 -10.59 16.42 -11.91
CA PHE B 144 -9.36 15.71 -12.25
C PHE B 144 -8.75 15.12 -10.98
N ASP B 145 -7.81 14.21 -11.19
CA ASP B 145 -7.34 13.32 -10.12
C ASP B 145 -6.40 14.01 -9.14
N GLY B 146 -5.74 15.09 -9.54
CA GLY B 146 -4.76 15.70 -8.67
C GLY B 146 -3.63 14.75 -8.29
N ALA B 147 -3.15 13.97 -9.25
CA ALA B 147 -2.08 13.02 -8.97
C ALA B 147 -0.79 13.74 -8.59
N ASP B 148 -0.37 14.71 -9.41
CA ASP B 148 0.83 15.47 -9.11
C ASP B 148 0.54 16.65 -8.20
N ASP B 149 -0.52 17.41 -8.50
CA ASP B 149 -0.89 18.57 -7.70
C ASP B 149 -1.67 18.07 -6.48
N GLY B 150 -0.92 17.70 -5.45
CA GLY B 150 -1.49 17.21 -4.20
C GLY B 150 -1.08 15.79 -3.87
N GLY B 151 -1.15 14.88 -4.86
CA GLY B 151 -0.79 13.50 -4.60
C GLY B 151 0.70 13.30 -4.38
N SER B 152 1.52 13.98 -5.18
CA SER B 152 2.95 13.68 -5.21
C SER B 152 3.63 14.04 -3.89
N GLY B 153 3.43 15.27 -3.41
CA GLY B 153 4.06 15.68 -2.17
C GLY B 153 3.64 14.81 -1.00
N VAL B 154 2.35 14.50 -0.91
CA VAL B 154 1.83 13.66 0.15
C VAL B 154 2.45 12.27 0.09
N GLY B 155 2.57 11.71 -1.12
CA GLY B 155 3.14 10.38 -1.23
C GLY B 155 4.61 10.35 -0.80
N VAL B 156 5.38 11.34 -1.24
CA VAL B 156 6.77 11.42 -0.84
C VAL B 156 6.87 11.50 0.68
N LEU B 157 6.04 12.35 1.29
CA LEU B 157 6.13 12.54 2.74
C LEU B 157 5.62 11.32 3.50
N LEU B 158 4.67 10.57 2.94
CA LEU B 158 4.25 9.33 3.59
C LEU B 158 5.38 8.31 3.59
N GLU B 159 6.12 8.20 2.48
CA GLU B 159 7.25 7.28 2.47
C GLU B 159 8.33 7.74 3.45
N ILE B 160 8.56 9.06 3.52
CA ILE B 160 9.51 9.59 4.49
C ILE B 160 9.05 9.30 5.92
N ALA B 161 7.73 9.34 6.16
CA ALA B 161 7.22 9.04 7.49
C ALA B 161 7.44 7.59 7.85
N ARG B 162 7.26 6.68 6.87
CA ARG B 162 7.63 5.28 7.10
C ARG B 162 9.09 5.18 7.54
N TYR B 163 9.98 5.78 6.74
CA TYR B 163 11.40 5.79 7.09
C TYR B 163 11.62 6.29 8.52
N LEU B 164 11.01 7.43 8.86
CA LEU B 164 11.23 8.03 10.17
C LEU B 164 10.69 7.14 11.27
N GLY B 165 9.55 6.51 11.05
CA GLY B 165 9.02 5.59 12.03
C GLY B 165 9.95 4.43 12.30
N GLN B 166 10.81 4.10 11.33
CA GLN B 166 11.80 3.06 11.59
C GLN B 166 13.03 3.56 12.34
N GLN B 167 13.22 4.86 12.51
CA GLN B 167 14.44 5.38 13.13
C GLN B 167 14.32 5.41 14.65
N LYS B 168 15.42 5.08 15.32
CA LYS B 168 15.54 5.17 16.77
C LYS B 168 16.59 6.19 17.13
N ASP B 169 16.33 6.94 18.22
CA ASP B 169 17.22 8.01 18.67
C ASP B 169 17.36 9.11 17.63
N LEU B 170 16.22 9.63 17.19
CA LEU B 170 16.22 10.83 16.35
C LEU B 170 16.82 12.00 17.13
N GLY B 171 17.72 12.74 16.47
CA GLY B 171 18.33 13.90 17.09
C GLY B 171 17.46 15.13 17.13
N MET B 172 16.39 15.16 16.33
CA MET B 172 15.47 16.29 16.30
C MET B 172 14.04 15.79 16.23
N GLY B 173 13.12 16.66 16.60
CA GLY B 173 11.71 16.43 16.30
C GLY B 173 11.42 16.71 14.84
N ILE B 174 10.44 15.99 14.30
CA ILE B 174 10.04 16.18 12.91
C ILE B 174 8.52 16.27 12.84
N ASP B 175 8.03 17.30 12.15
CA ASP B 175 6.60 17.48 11.93
C ASP B 175 6.33 17.38 10.43
N ILE B 176 5.36 16.55 10.08
CA ILE B 176 4.83 16.45 8.72
C ILE B 176 3.43 17.03 8.74
N VAL B 177 3.20 18.09 7.97
CA VAL B 177 1.93 18.79 7.95
C VAL B 177 1.35 18.69 6.53
N PHE B 178 0.17 18.07 6.45
CA PHE B 178 -0.63 18.05 5.24
C PHE B 178 -1.68 19.14 5.38
N PHE B 179 -1.53 20.19 4.56
CA PHE B 179 -2.45 21.31 4.55
C PHE B 179 -3.67 21.01 3.71
N ASP B 180 -4.84 21.36 4.22
CA ASP B 180 -6.08 21.27 3.48
C ASP B 180 -6.35 22.59 2.76
N THR B 181 -7.33 22.55 1.85
CA THR B 181 -7.90 23.77 1.27
C THR B 181 -6.83 24.69 0.72
N GLU B 182 -5.83 24.11 0.03
CA GLU B 182 -4.81 24.91 -0.63
C GLU B 182 -5.24 25.36 -2.02
N ASP B 183 -6.01 24.55 -2.74
CA ASP B 183 -6.18 24.69 -4.17
C ASP B 183 -7.60 25.13 -4.53
N TYR B 184 -8.27 25.84 -3.62
CA TYR B 184 -9.68 26.19 -3.78
C TYR B 184 -9.88 27.67 -4.10
N GLY B 185 -8.82 28.39 -4.47
CA GLY B 185 -8.91 29.81 -4.72
C GLY B 185 -9.30 30.12 -6.15
N SER B 186 -9.26 31.42 -6.48
CA SER B 186 -9.48 31.91 -7.83
C SER B 186 -8.26 32.68 -8.30
N TYR B 187 -7.96 32.58 -9.59
CA TYR B 187 -6.78 33.24 -10.14
C TYR B 187 -6.89 34.73 -9.97
N GLY B 188 -5.77 35.37 -9.64
CA GLY B 188 -5.72 36.79 -9.39
C GLY B 188 -6.04 37.20 -7.96
N ASP B 189 -6.65 36.31 -7.17
CA ASP B 189 -7.00 36.58 -5.79
C ASP B 189 -6.05 35.74 -4.92
N ASP B 190 -4.93 36.34 -4.53
CA ASP B 190 -3.88 35.60 -3.85
C ASP B 190 -4.35 35.08 -2.49
N GLU B 191 -5.18 35.87 -1.79
CA GLU B 191 -5.63 35.46 -0.46
C GLU B 191 -6.55 34.26 -0.48
N SER B 192 -7.10 33.90 -1.65
CA SER B 192 -8.03 32.78 -1.75
C SER B 192 -7.34 31.42 -1.77
N TRP B 193 -6.03 31.37 -1.96
CA TRP B 193 -5.29 30.12 -1.96
C TRP B 193 -4.60 29.91 -0.62
N CYS B 194 -4.19 28.67 -0.38
CA CYS B 194 -3.36 28.32 0.79
C CYS B 194 -4.07 28.64 2.10
N LEU B 195 -5.36 28.30 2.19
CA LEU B 195 -6.13 28.66 3.37
C LEU B 195 -5.75 27.81 4.58
N GLY B 196 -5.52 26.51 4.37
CA GLY B 196 -5.12 25.66 5.47
C GLY B 196 -3.81 26.09 6.08
N SER B 197 -2.84 26.46 5.24
CA SER B 197 -1.55 26.88 5.75
C SER B 197 -1.63 28.24 6.43
N GLN B 198 -2.42 29.17 5.89
CA GLN B 198 -2.65 30.43 6.60
C GLN B 198 -3.19 30.17 7.99
N TYR B 199 -4.24 29.35 8.08
CA TYR B 199 -4.84 29.06 9.39
C TYR B 199 -3.83 28.42 10.32
N TRP B 200 -3.12 27.40 9.84
CA TRP B 200 -2.18 26.70 10.71
C TRP B 200 -1.06 27.63 11.18
N SER B 201 -0.50 28.42 10.26
CA SER B 201 0.59 29.32 10.62
C SER B 201 0.13 30.37 11.62
N ARG B 202 -1.14 30.76 11.56
CA ARG B 202 -1.70 31.67 12.56
C ARG B 202 -2.21 30.96 13.79
N ASN B 203 -2.41 29.64 13.74
CA ASN B 203 -2.94 28.87 14.87
C ASN B 203 -2.27 27.51 14.91
N PRO B 204 -0.97 27.47 15.22
CA PRO B 204 -0.25 26.19 15.19
C PRO B 204 -0.80 25.21 16.22
N HIS B 205 -0.55 23.93 15.96
CA HIS B 205 -1.04 22.85 16.82
C HIS B 205 -0.37 22.84 18.18
N VAL B 206 0.73 23.58 18.34
CA VAL B 206 1.44 23.70 19.61
C VAL B 206 1.68 25.19 19.84
N ALA B 207 1.29 25.68 21.02
CA ALA B 207 1.44 27.10 21.31
C ALA B 207 2.90 27.50 21.19
N GLY B 208 3.14 28.58 20.46
CA GLY B 208 4.51 29.03 20.23
C GLY B 208 5.34 28.07 19.39
N TYR B 209 4.69 27.27 18.55
CA TYR B 209 5.41 26.31 17.72
C TYR B 209 6.59 26.96 17.03
N LYS B 210 7.71 26.23 16.99
CA LYS B 210 8.91 26.68 16.29
C LYS B 210 9.57 25.50 15.60
N ALA B 211 10.21 25.80 14.47
CA ALA B 211 11.05 24.85 13.77
C ALA B 211 12.23 25.61 13.18
N GLU B 212 13.36 24.92 13.04
CA GLU B 212 14.55 25.55 12.49
C GLU B 212 14.51 25.66 10.98
N ALA B 213 13.73 24.82 10.30
CA ALA B 213 13.67 24.84 8.85
C ALA B 213 12.41 24.13 8.39
N GLY B 214 11.91 24.55 7.24
CA GLY B 214 10.72 23.96 6.66
C GLY B 214 10.91 23.65 5.18
N ILE B 215 10.45 22.48 4.77
CA ILE B 215 10.50 22.07 3.37
C ILE B 215 9.07 21.76 2.92
N LEU B 216 8.61 22.49 1.91
CA LEU B 216 7.32 22.24 1.27
C LEU B 216 7.57 21.48 -0.02
N LEU B 217 6.79 20.42 -0.24
CA LEU B 217 6.80 19.69 -1.50
C LEU B 217 5.50 19.97 -2.22
N ASP B 218 5.58 20.43 -3.47
CA ASP B 218 4.39 20.73 -4.26
C ASP B 218 4.64 20.34 -5.70
N MET B 219 3.87 19.36 -6.21
CA MET B 219 4.02 18.89 -7.58
C MET B 219 5.45 18.40 -7.85
N VAL B 220 5.77 17.29 -7.19
CA VAL B 220 7.13 16.74 -7.22
C VAL B 220 7.14 15.34 -7.82
N GLY B 221 6.22 15.06 -8.75
CA GLY B 221 6.10 13.71 -9.28
C GLY B 221 5.99 13.59 -10.78
N ALA B 222 5.90 14.70 -11.50
CA ALA B 222 5.66 14.65 -12.94
C ALA B 222 6.94 14.37 -13.70
N LYS B 223 6.81 13.58 -14.77
CA LYS B 223 7.94 13.33 -15.67
C LYS B 223 8.53 14.64 -16.17
N GLY B 224 9.86 14.72 -16.17
CA GLY B 224 10.55 15.89 -16.66
C GLY B 224 10.53 17.09 -15.73
N ALA B 225 10.11 16.93 -14.47
CA ALA B 225 10.00 18.05 -13.56
C ALA B 225 11.33 18.79 -13.44
N THR B 226 11.23 20.10 -13.24
CA THR B 226 12.40 20.96 -13.01
C THR B 226 12.17 21.75 -11.74
N PHE B 227 13.07 21.59 -10.77
CA PHE B 227 12.98 22.27 -9.47
C PHE B 227 14.05 23.36 -9.43
N TYR B 228 13.64 24.60 -9.71
CA TYR B 228 14.51 25.76 -9.63
C TYR B 228 14.43 26.40 -8.25
N TRP B 229 15.35 27.33 -7.99
CA TRP B 229 15.32 28.12 -6.77
C TRP B 229 14.09 29.01 -6.80
N GLU B 230 13.07 28.68 -6.03
CA GLU B 230 11.90 29.54 -5.91
C GLU B 230 12.27 30.81 -5.15
N TYR B 231 11.70 31.95 -5.58
CA TYR B 231 12.20 33.24 -5.14
C TYR B 231 12.10 33.40 -3.62
N PHE B 232 10.91 33.20 -3.06
CA PHE B 232 10.74 33.38 -1.62
C PHE B 232 11.60 32.39 -0.86
N SER B 233 11.72 31.16 -1.38
CA SER B 233 12.57 30.16 -0.75
C SER B 233 13.99 30.64 -0.61
N LYS B 234 14.56 31.17 -1.70
CA LYS B 234 15.96 31.59 -1.66
C LYS B 234 16.14 32.89 -0.89
N SER B 235 15.14 33.76 -0.89
CA SER B 235 15.26 35.02 -0.15
C SER B 235 15.20 34.79 1.35
N TYR B 236 14.29 33.92 1.81
CA TYR B 236 14.07 33.73 3.24
C TYR B 236 14.76 32.50 3.81
N ALA B 237 15.22 31.57 2.98
CA ALA B 237 15.88 30.35 3.44
C ALA B 237 17.08 30.05 2.56
N PRO B 238 18.03 30.99 2.46
CA PRO B 238 19.19 30.75 1.59
C PRO B 238 20.06 29.60 2.04
N GLY B 239 20.27 29.46 3.34
CA GLY B 239 21.06 28.34 3.83
C GLY B 239 20.40 27.00 3.57
N LEU B 240 19.10 26.91 3.82
CA LEU B 240 18.38 25.67 3.59
C LEU B 240 18.34 25.32 2.10
N ILE B 241 18.06 26.30 1.24
CA ILE B 241 18.02 26.01 -0.18
C ILE B 241 19.38 25.56 -0.67
N SER B 242 20.44 26.21 -0.17
CA SER B 242 21.79 25.80 -0.56
C SER B 242 22.06 24.36 -0.12
N ALA B 243 21.76 24.05 1.15
CA ALA B 243 22.04 22.70 1.66
C ALA B 243 21.28 21.65 0.86
N VAL B 244 20.00 21.90 0.58
CA VAL B 244 19.18 20.89 -0.08
C VAL B 244 19.61 20.72 -1.54
N TRP B 245 19.85 21.82 -2.25
CA TRP B 245 20.25 21.70 -3.65
C TRP B 245 21.62 21.06 -3.77
N GLN B 246 22.52 21.33 -2.82
CA GLN B 246 23.82 20.66 -2.86
C GLN B 246 23.70 19.19 -2.50
N THR B 247 22.79 18.84 -1.59
CA THR B 247 22.52 17.44 -1.33
C THR B 247 22.07 16.73 -2.61
N ALA B 248 21.13 17.35 -3.33
CA ALA B 248 20.69 16.77 -4.59
C ALA B 248 21.85 16.64 -5.57
N ALA B 249 22.68 17.67 -5.68
CA ALA B 249 23.84 17.60 -6.58
C ALA B 249 24.74 16.42 -6.23
N ALA B 250 25.03 16.23 -4.93
CA ALA B 250 25.89 15.14 -4.52
C ALA B 250 25.33 13.80 -4.95
N LEU B 251 24.00 13.66 -4.98
CA LEU B 251 23.35 12.41 -5.35
C LEU B 251 23.20 12.24 -6.86
N GLY B 252 23.56 13.24 -7.66
CA GLY B 252 23.41 13.15 -9.09
C GLY B 252 22.08 13.62 -9.62
N TYR B 253 21.34 14.43 -8.84
CA TYR B 253 20.02 14.90 -9.22
C TYR B 253 20.03 16.37 -9.63
N GLY B 254 21.19 16.88 -10.03
CA GLY B 254 21.28 18.23 -10.56
C GLY B 254 20.51 18.44 -11.85
N ASN B 255 20.05 17.35 -12.49
CA ASN B 255 19.15 17.47 -13.63
C ASN B 255 17.71 17.73 -13.21
N TYR B 256 17.39 17.56 -11.92
CA TYR B 256 16.07 17.90 -11.38
C TYR B 256 16.13 19.12 -10.48
N PHE B 257 17.08 19.15 -9.54
CA PHE B 257 17.29 20.32 -8.68
C PHE B 257 18.27 21.23 -9.42
N ILE B 258 17.73 22.17 -10.18
CA ILE B 258 18.54 23.05 -11.04
C ILE B 258 19.01 24.23 -10.21
N GLN B 259 20.31 24.52 -10.29
CA GLN B 259 20.90 25.60 -9.52
C GLN B 259 20.80 26.91 -10.30
N ALA B 260 19.56 27.37 -10.45
CA ALA B 260 19.28 28.63 -11.13
C ALA B 260 17.95 29.17 -10.62
N ASP B 261 17.78 30.47 -10.77
CA ASP B 261 16.56 31.13 -10.31
C ASP B 261 15.34 30.62 -11.06
N GLY B 262 14.26 30.37 -10.33
CA GLY B 262 12.99 30.02 -10.93
C GLY B 262 11.99 31.15 -10.80
N GLY B 263 10.76 30.83 -10.41
CA GLY B 263 9.71 31.81 -10.27
C GLY B 263 9.45 32.20 -8.82
N ALA B 264 8.65 33.24 -8.66
CA ALA B 264 8.19 33.68 -7.35
C ALA B 264 6.77 33.18 -7.17
N LEU B 265 6.61 32.17 -6.31
CA LEU B 265 5.37 31.40 -6.21
C LEU B 265 4.86 31.49 -4.78
N THR B 266 3.68 32.09 -4.61
CA THR B 266 3.06 32.22 -3.29
C THR B 266 2.37 30.91 -2.97
N ASP B 267 3.08 30.04 -2.26
CA ASP B 267 2.65 28.68 -1.95
C ASP B 267 2.47 28.57 -0.44
N ASP B 268 2.22 27.35 0.03
CA ASP B 268 1.92 27.14 1.44
C ASP B 268 3.07 27.54 2.35
N HIS B 269 4.29 27.69 1.81
CA HIS B 269 5.44 28.05 2.65
C HIS B 269 5.44 29.53 3.04
N VAL B 270 4.75 30.38 2.30
CA VAL B 270 4.82 31.82 2.53
C VAL B 270 4.08 32.17 3.83
N PRO B 271 2.87 31.66 4.08
CA PRO B 271 2.25 31.93 5.38
C PRO B 271 3.10 31.44 6.55
N VAL B 272 3.76 30.29 6.39
CA VAL B 272 4.61 29.79 7.46
C VAL B 272 5.75 30.77 7.71
N ILE B 273 6.41 31.20 6.64
CA ILE B 273 7.49 32.18 6.76
C ILE B 273 7.00 33.42 7.48
N LYS B 274 5.87 33.96 7.02
CA LYS B 274 5.44 35.29 7.49
C LYS B 274 4.93 35.25 8.93
N ASN B 275 4.15 34.22 9.29
CA ASN B 275 3.46 34.20 10.57
C ASN B 275 4.19 33.40 11.65
N LEU B 276 5.09 32.48 11.27
CA LEU B 276 5.87 31.73 12.24
C LEU B 276 7.35 32.03 12.16
N GLY B 277 7.81 32.76 11.14
CA GLY B 277 9.21 33.10 11.03
C GLY B 277 10.12 31.94 10.75
N ILE B 278 9.60 30.84 10.22
CA ILE B 278 10.40 29.66 9.95
C ILE B 278 11.00 29.79 8.55
N PRO B 279 12.31 29.63 8.37
CA PRO B 279 12.86 29.60 7.00
C PRO B 279 12.36 28.37 6.25
N CYS B 280 11.58 28.61 5.20
CA CYS B 280 11.00 27.52 4.41
C CYS B 280 11.39 27.63 2.95
N ILE B 281 11.59 26.48 2.33
CA ILE B 281 11.78 26.39 0.88
C ILE B 281 10.63 25.61 0.28
N ASP B 282 10.44 25.82 -1.03
CA ASP B 282 9.39 25.16 -1.80
C ASP B 282 10.04 24.39 -2.95
N ILE B 283 9.94 23.07 -2.90
CA ILE B 283 10.38 22.21 -4.00
C ILE B 283 9.16 21.98 -4.87
N ILE B 284 9.18 22.56 -6.07
CA ILE B 284 7.98 22.64 -6.90
C ILE B 284 8.38 22.62 -8.37
N ASN B 285 7.65 21.84 -9.16
CA ASN B 285 7.87 21.76 -10.60
C ASN B 285 7.37 23.05 -11.27
N TYR B 286 8.30 23.85 -11.78
CA TYR B 286 7.97 25.10 -12.43
C TYR B 286 9.12 25.51 -13.32
N SER B 287 8.79 26.10 -14.47
CA SER B 287 9.78 26.70 -15.36
C SER B 287 9.10 27.78 -16.19
N SER B 288 9.76 28.93 -16.29
CA SER B 288 9.23 30.00 -17.14
C SER B 288 9.14 29.58 -18.60
N LYS B 289 9.85 28.51 -18.99
CA LYS B 289 9.72 27.99 -20.35
C LYS B 289 8.39 27.29 -20.56
N ASN B 290 7.69 26.94 -19.49
CA ASN B 290 6.39 26.31 -19.61
C ASN B 290 5.32 27.36 -19.88
N GLU B 291 4.34 26.98 -20.71
CA GLU B 291 3.27 27.92 -21.07
C GLU B 291 2.58 28.48 -19.83
N HIS B 292 2.32 27.63 -18.85
CA HIS B 292 1.62 28.05 -17.63
C HIS B 292 2.56 28.14 -16.43
N GLY B 293 3.87 28.10 -16.64
CA GLY B 293 4.81 28.08 -15.53
C GLY B 293 4.92 26.71 -14.92
N PHE B 294 3.84 26.26 -14.28
CA PHE B 294 3.74 24.87 -13.86
C PHE B 294 3.66 23.96 -15.09
N GLY B 295 3.81 22.66 -14.85
CA GLY B 295 3.74 21.70 -15.93
C GLY B 295 2.45 21.81 -16.73
N ASP B 296 2.48 21.37 -17.98
CA ASP B 296 1.30 21.46 -18.84
C ASP B 296 0.11 20.71 -18.26
N HIS B 297 0.36 19.69 -17.43
CA HIS B 297 -0.71 18.93 -16.81
C HIS B 297 -1.41 19.72 -15.70
N TRP B 298 -0.80 20.79 -15.22
CA TRP B 298 -1.31 21.51 -14.06
C TRP B 298 -2.73 22.01 -14.29
N HIS B 299 -3.64 21.60 -13.40
CA HIS B 299 -5.05 22.03 -13.45
C HIS B 299 -5.71 21.64 -14.78
N THR B 300 -5.37 20.44 -15.26
CA THR B 300 -6.07 19.83 -16.38
C THR B 300 -6.43 18.40 -16.00
N GLN B 301 -7.25 17.78 -16.85
CA GLN B 301 -7.57 16.37 -16.67
C GLN B 301 -6.33 15.49 -16.83
N ARG B 302 -5.26 16.03 -17.42
CA ARG B 302 -4.03 15.27 -17.63
C ARG B 302 -3.19 15.11 -16.36
N ASP B 303 -3.53 15.78 -15.27
CA ASP B 303 -2.84 15.56 -13.99
C ASP B 303 -3.40 14.29 -13.35
N ASN B 304 -2.99 13.15 -13.89
CA ASN B 304 -3.41 11.85 -13.42
C ASN B 304 -2.19 10.95 -13.30
N MET B 305 -2.43 9.67 -12.96
CA MET B 305 -1.33 8.77 -12.65
C MET B 305 -0.39 8.59 -13.84
N GLN B 306 -0.88 8.79 -15.06
CA GLN B 306 -0.02 8.62 -16.22
C GLN B 306 1.06 9.68 -16.31
N ILE B 307 0.92 10.79 -15.58
CA ILE B 307 1.94 11.83 -15.58
C ILE B 307 3.06 11.53 -14.59
N ILE B 308 2.83 10.62 -13.64
CA ILE B 308 3.76 10.40 -12.54
C ILE B 308 4.95 9.59 -13.04
N ASP B 309 6.15 10.04 -12.67
CA ASP B 309 7.40 9.33 -12.94
C ASP B 309 8.02 9.03 -11.58
N LYS B 310 8.08 7.74 -11.21
CA LYS B 310 8.58 7.41 -9.88
C LYS B 310 10.07 7.72 -9.74
N ASN B 311 10.79 7.93 -10.85
CA ASN B 311 12.17 8.38 -10.73
C ASN B 311 12.25 9.81 -10.20
N VAL B 312 11.27 10.65 -10.54
CA VAL B 312 11.23 12.01 -10.00
C VAL B 312 10.91 11.96 -8.51
N LEU B 313 9.89 11.18 -8.15
CA LEU B 313 9.59 10.95 -6.75
C LEU B 313 10.83 10.50 -6.01
N ASP B 314 11.61 9.59 -6.62
CA ASP B 314 12.80 9.07 -5.96
C ASP B 314 13.87 10.14 -5.82
N ALA B 315 14.10 10.94 -6.86
CA ALA B 315 15.07 12.01 -6.73
C ALA B 315 14.72 12.91 -5.55
N VAL B 316 13.46 13.34 -5.49
CA VAL B 316 13.04 14.25 -4.42
C VAL B 316 13.17 13.56 -3.05
N GLY B 317 12.69 12.32 -2.95
CA GLY B 317 12.67 11.65 -1.66
C GLY B 317 14.06 11.30 -1.16
N GLU B 318 14.91 10.79 -2.04
CA GLU B 318 16.30 10.52 -1.65
C GLU B 318 16.99 11.79 -1.21
N THR B 319 16.79 12.91 -1.93
CA THR B 319 17.39 14.17 -1.52
C THR B 319 16.94 14.56 -0.12
N VAL B 320 15.63 14.53 0.12
CA VAL B 320 15.10 15.00 1.40
C VAL B 320 15.54 14.08 2.53
N ILE B 321 15.53 12.77 2.32
CA ILE B 321 15.95 11.85 3.37
C ILE B 321 17.42 12.03 3.68
N ARG B 322 18.26 12.20 2.66
CA ARG B 322 19.67 12.42 2.92
C ARG B 322 19.89 13.68 3.75
N TYR B 323 19.20 14.75 3.38
CA TYR B 323 19.30 15.98 4.18
C TYR B 323 18.87 15.74 5.62
N LEU B 324 17.74 15.05 5.80
CA LEU B 324 17.26 14.77 7.16
C LEU B 324 18.28 13.95 7.95
N ASP B 325 18.79 12.88 7.34
CA ASP B 325 19.78 12.04 8.00
C ASP B 325 20.95 12.88 8.49
N GLU B 326 21.46 13.76 7.62
CA GLU B 326 22.59 14.58 8.04
C GLU B 326 22.17 15.66 9.02
N GLN B 327 20.88 15.92 9.18
CA GLN B 327 20.36 16.78 10.25
C GLN B 327 19.86 15.99 11.45
N VAL B 328 20.01 14.67 11.44
CA VAL B 328 19.48 13.82 12.50
C VAL B 328 20.51 12.75 12.85
#